data_8EXF
#
_entry.id   8EXF
#
_cell.length_a   91.621
_cell.length_b   188.145
_cell.length_c   93.343
_cell.angle_alpha   90.00
_cell.angle_beta   90.00
_cell.angle_gamma   90.00
#
_symmetry.space_group_name_H-M   'C 2 2 21'
#
loop_
_entity.id
_entity.type
_entity.pdbx_description
1 polymer 'Terminal nucleotidyltransferase 5A'
2 polymer BCCIPa
3 water water
#
loop_
_entity_poly.entity_id
_entity_poly.type
_entity_poly.pdbx_seq_one_letter_code
_entity_poly.pdbx_strand_id
1 'polypeptide(L)'
;GPGAPNVLNWEQVQRLDGILSETIPIHGRGNFPTLELQPSLIVKVVRRRLAEKRIGVRDVRLNGSAASHVLHQDSGLGYK
DLDLIFCADLRGEGEFQTVKDVVLDCLLDFLPEGVNKEKITPLTLKEAYVQKMVKVCNDSDRWSLISLSNNSGKNVELKF
VDSLRRQFEFSVDSFQIKLDSLLLFYECSENPMTETFHPTIIGESVYGDFQEAFDHLCNKIIATRNPEEIRGGGLLKYCN
LLVRGFRPASDEIKTLQRYMCSRFFIDFSDIGEQQRKLESYLQNHFVGLEDRKYEYLMTLHGVVNESTVCLMGHERRQTL
NLITMLAIRVLADQNV
;
A
2 'polypeptide(L)'
;GPGAPDEVIDEEVNIEFEAYSLSDNDYDGIKKLLQQLFLKAPVNTAELTDLLIQQNHIGSVIKQTDVEVFGFISLLNLTE
RKGTQCVEQIQELVLRFCEKNCEKSMVEQLDKFLNDTTKPVGLLLSERFINVPPQIALPMYQQLQKELAGAHRTNKPCGK
CYFYLLISKTFVEAGQHNGGSRGQVTALVSLKAGLIQSRSTLSDFQGTFMTVGIALS
;
B
#
# COMPACT_ATOMS: atom_id res chain seq x y z
N PRO A 5 4.99 -32.84 -3.78
CA PRO A 5 4.36 -32.28 -2.58
C PRO A 5 3.97 -30.82 -2.77
N ASN A 6 4.95 -30.00 -3.18
CA ASN A 6 4.74 -28.60 -3.47
C ASN A 6 4.68 -28.30 -4.95
N VAL A 7 4.83 -29.31 -5.79
CA VAL A 7 4.98 -29.10 -7.23
C VAL A 7 3.60 -28.93 -7.86
N LEU A 8 3.43 -27.81 -8.56
CA LEU A 8 2.18 -27.55 -9.25
C LEU A 8 1.97 -28.56 -10.38
N ASN A 9 0.72 -28.91 -10.61
CA ASN A 9 0.39 -29.85 -11.67
C ASN A 9 0.17 -29.11 -12.99
N TRP A 10 -0.13 -29.86 -14.04
CA TRP A 10 -0.25 -29.27 -15.37
C TRP A 10 -1.35 -28.21 -15.41
N GLU A 11 -2.42 -28.39 -14.64
CA GLU A 11 -3.45 -27.36 -14.56
C GLU A 11 -2.91 -26.11 -13.87
N GLN A 12 -2.40 -26.27 -12.66
CA GLN A 12 -1.88 -25.14 -11.90
C GLN A 12 -0.78 -24.41 -12.66
N VAL A 13 0.11 -25.16 -13.32
CA VAL A 13 1.18 -24.55 -14.08
C VAL A 13 0.62 -23.77 -15.26
N GLN A 14 -0.36 -24.35 -15.95
CA GLN A 14 -1.01 -23.65 -17.06
C GLN A 14 -1.56 -22.30 -16.62
N ARG A 15 -2.27 -22.30 -15.48
CA ARG A 15 -2.80 -21.05 -14.93
C ARG A 15 -1.69 -20.03 -14.70
N LEU A 16 -0.57 -20.48 -14.12
CA LEU A 16 0.55 -19.59 -13.83
C LEU A 16 1.13 -19.01 -15.11
N ASP A 17 1.41 -19.88 -16.09
CA ASP A 17 1.99 -19.42 -17.34
C ASP A 17 1.07 -18.42 -18.04
N GLY A 18 -0.24 -18.57 -17.88
CA GLY A 18 -1.17 -17.67 -18.54
C GLY A 18 -1.10 -16.26 -18.01
N ILE A 19 -1.06 -16.10 -16.69
CA ILE A 19 -1.11 -14.76 -16.13
C ILE A 19 0.24 -14.06 -16.25
N LEU A 20 1.34 -14.83 -16.28
CA LEU A 20 2.66 -14.24 -16.46
C LEU A 20 3.04 -14.01 -17.91
N SER A 21 2.25 -14.52 -18.85
CA SER A 21 2.44 -14.20 -20.26
C SER A 21 1.35 -13.27 -20.78
N GLU A 22 0.38 -12.91 -19.96
CA GLU A 22 -0.55 -11.87 -20.32
C GLU A 22 0.20 -10.60 -20.70
N THR A 23 -0.37 -9.81 -21.60
CA THR A 23 0.14 -8.48 -21.88
C THR A 23 -0.75 -7.49 -21.17
N ILE A 24 -0.19 -6.74 -20.23
CA ILE A 24 -0.94 -5.85 -19.36
C ILE A 24 -0.73 -4.42 -19.84
N PRO A 25 -1.79 -3.65 -20.05
CA PRO A 25 -1.64 -2.24 -20.44
C PRO A 25 -1.25 -1.39 -19.23
N ILE A 26 -0.18 -0.63 -19.38
CA ILE A 26 0.33 0.26 -18.34
C ILE A 26 0.18 1.68 -18.85
N HIS A 27 -0.88 2.37 -18.43
CA HIS A 27 -1.20 3.65 -19.03
C HIS A 27 -0.36 4.77 -18.44
N GLY A 28 -0.14 5.81 -19.25
CA GLY A 28 0.69 6.92 -18.87
C GLY A 28 -0.07 8.23 -18.94
N ARG A 29 0.35 9.19 -18.11
CA ARG A 29 -0.31 10.47 -17.98
C ARG A 29 0.17 11.45 -19.03
N GLY A 30 -0.76 12.27 -19.55
CA GLY A 30 -0.38 13.31 -20.48
C GLY A 30 0.14 12.77 -21.80
N ASN A 31 1.19 13.40 -22.31
CA ASN A 31 1.76 13.09 -23.62
C ASN A 31 2.72 11.90 -23.54
N PHE A 32 2.16 10.75 -23.19
CA PHE A 32 2.94 9.52 -23.06
C PHE A 32 2.12 8.36 -23.60
N PRO A 33 2.76 7.43 -24.31
CA PRO A 33 2.05 6.26 -24.83
C PRO A 33 1.55 5.40 -23.70
N THR A 34 0.75 4.39 -24.07
CA THR A 34 0.42 3.33 -23.14
C THR A 34 1.48 2.25 -23.26
N LEU A 35 1.85 1.68 -22.13
CA LEU A 35 2.89 0.66 -22.06
C LEU A 35 2.23 -0.71 -22.06
N GLU A 36 2.70 -1.59 -22.93
CA GLU A 36 2.21 -2.97 -22.98
C GLU A 36 3.31 -3.87 -22.43
N LEU A 37 3.06 -4.46 -21.27
CA LEU A 37 4.07 -5.19 -20.51
C LEU A 37 3.65 -6.64 -20.34
N GLN A 38 4.59 -7.55 -20.57
CA GLN A 38 4.41 -8.94 -20.20
C GLN A 38 5.08 -9.17 -18.86
N PRO A 39 4.35 -9.62 -17.82
CA PRO A 39 4.97 -9.80 -16.50
C PRO A 39 6.27 -10.59 -16.53
N SER A 40 6.35 -11.63 -17.35
CA SER A 40 7.60 -12.39 -17.46
C SER A 40 8.73 -11.53 -17.98
N LEU A 41 8.45 -10.59 -18.89
CA LEU A 41 9.50 -9.70 -19.38
C LEU A 41 9.99 -8.75 -18.30
N ILE A 42 9.08 -8.24 -17.46
CA ILE A 42 9.49 -7.37 -16.37
C ILE A 42 10.46 -8.12 -15.46
N VAL A 43 10.13 -9.35 -15.12
CA VAL A 43 11.00 -10.12 -14.23
C VAL A 43 12.38 -10.30 -14.85
N LYS A 44 12.42 -10.65 -16.14
CA LYS A 44 13.72 -10.86 -16.80
C LYS A 44 14.53 -9.58 -16.83
N VAL A 45 14.01 -8.54 -17.47
CA VAL A 45 14.81 -7.34 -17.73
C VAL A 45 15.25 -6.68 -16.43
N VAL A 46 14.34 -6.62 -15.44
CA VAL A 46 14.70 -6.03 -14.14
C VAL A 46 15.83 -6.82 -13.51
N ARG A 47 15.70 -8.15 -13.50
CA ARG A 47 16.73 -8.98 -12.86
C ARG A 47 18.05 -8.91 -13.61
N ARG A 48 18.03 -8.80 -14.94
CA ARG A 48 19.26 -8.68 -15.70
C ARG A 48 19.91 -7.31 -15.51
N ARG A 49 19.10 -6.25 -15.59
CA ARG A 49 19.65 -4.91 -15.43
C ARG A 49 20.11 -4.68 -13.99
N LEU A 50 19.40 -5.23 -13.01
CA LEU A 50 19.88 -5.19 -11.64
C LEU A 50 21.23 -5.89 -11.52
N ALA A 51 21.36 -7.05 -12.16
CA ALA A 51 22.61 -7.80 -12.10
C ALA A 51 23.75 -7.03 -12.74
N GLU A 52 23.46 -6.28 -13.80
CA GLU A 52 24.49 -5.47 -14.45
C GLU A 52 24.98 -4.34 -13.56
N LYS A 53 24.23 -3.99 -12.52
CA LYS A 53 24.66 -3.03 -11.51
C LYS A 53 25.21 -3.71 -10.27
N ARG A 54 25.60 -4.98 -10.38
CA ARG A 54 26.15 -5.75 -9.25
C ARG A 54 25.23 -5.73 -8.03
N ILE A 55 23.93 -5.68 -8.27
CA ILE A 55 22.92 -5.88 -7.23
C ILE A 55 22.37 -7.29 -7.36
N GLY A 56 22.49 -8.07 -6.30
CA GLY A 56 22.00 -9.43 -6.31
C GLY A 56 20.51 -9.53 -5.99
N VAL A 57 19.91 -10.61 -6.49
CA VAL A 57 18.50 -10.92 -6.26
C VAL A 57 18.39 -12.42 -5.98
N ARG A 58 17.89 -12.76 -4.79
CA ARG A 58 17.75 -14.16 -4.42
C ARG A 58 16.80 -14.87 -5.39
N ASP A 59 15.53 -14.50 -5.36
CA ASP A 59 14.55 -15.09 -6.27
C ASP A 59 13.45 -14.07 -6.55
N VAL A 60 12.55 -14.46 -7.45
CA VAL A 60 11.36 -13.68 -7.75
C VAL A 60 10.16 -14.60 -7.58
N ARG A 61 9.09 -14.06 -7.00
CA ARG A 61 7.95 -14.87 -6.60
C ARG A 61 6.66 -14.14 -6.94
N LEU A 62 5.53 -14.86 -6.89
CA LEU A 62 4.19 -14.29 -7.14
C LEU A 62 3.46 -14.30 -5.80
N ASN A 63 2.58 -13.32 -5.53
CA ASN A 63 2.00 -13.21 -4.18
C ASN A 63 0.48 -12.99 -4.17
N GLY A 64 -0.15 -13.35 -3.06
CA GLY A 64 -1.59 -13.07 -2.86
C GLY A 64 -2.57 -13.71 -3.80
N SER A 65 -3.46 -12.91 -4.37
CA SER A 65 -4.58 -13.49 -5.15
C SER A 65 -4.10 -14.29 -6.34
N ALA A 66 -3.10 -13.80 -7.06
CA ALA A 66 -2.70 -14.52 -8.27
C ALA A 66 -2.20 -15.91 -7.87
N ALA A 67 -1.45 -15.98 -6.77
CA ALA A 67 -0.97 -17.27 -6.27
C ALA A 67 -2.16 -18.13 -5.87
N SER A 68 -3.05 -17.58 -5.05
CA SER A 68 -4.23 -18.36 -4.70
C SER A 68 -5.01 -18.76 -5.94
N HIS A 69 -4.95 -17.97 -7.00
CA HIS A 69 -5.71 -18.27 -8.21
C HIS A 69 -5.11 -19.46 -8.94
N VAL A 70 -3.78 -19.52 -9.05
CA VAL A 70 -3.17 -20.62 -9.79
C VAL A 70 -3.38 -21.94 -9.04
N LEU A 71 -3.36 -21.90 -7.71
CA LEU A 71 -3.55 -23.14 -6.95
C LEU A 71 -5.00 -23.60 -7.02
N HIS A 72 -5.95 -22.67 -6.95
CA HIS A 72 -7.36 -23.01 -7.08
C HIS A 72 -8.10 -21.86 -7.75
N GLN A 73 -8.69 -22.14 -8.91
CA GLN A 73 -9.53 -21.15 -9.58
C GLN A 73 -10.82 -20.91 -8.82
N ASP A 74 -11.40 -21.97 -8.27
CA ASP A 74 -12.73 -21.92 -7.68
C ASP A 74 -12.78 -21.19 -6.34
N SER A 75 -11.63 -20.86 -5.75
CA SER A 75 -11.63 -20.19 -4.46
C SER A 75 -12.44 -18.90 -4.48
N GLY A 76 -12.47 -18.21 -5.63
CA GLY A 76 -13.24 -17.00 -5.75
C GLY A 76 -12.56 -15.74 -5.26
N LEU A 77 -11.42 -15.86 -4.57
CA LEU A 77 -10.65 -14.66 -4.22
C LEU A 77 -10.32 -13.84 -5.47
N GLY A 78 -10.09 -14.51 -6.59
CA GLY A 78 -9.96 -13.87 -7.90
C GLY A 78 -8.55 -13.43 -8.20
N TYR A 79 -8.21 -13.45 -9.49
CA TYR A 79 -6.97 -12.86 -9.98
C TYR A 79 -7.35 -11.47 -10.48
N LYS A 80 -7.08 -10.47 -9.65
CA LYS A 80 -7.35 -9.07 -10.00
C LYS A 80 -6.09 -8.24 -10.13
N ASP A 81 -5.10 -8.48 -9.28
CA ASP A 81 -3.84 -7.75 -9.31
C ASP A 81 -2.67 -8.70 -9.36
N LEU A 82 -1.62 -8.29 -10.06
CA LEU A 82 -0.39 -9.04 -10.16
C LEU A 82 0.64 -8.41 -9.23
N ASP A 83 1.16 -9.20 -8.29
CA ASP A 83 2.16 -8.74 -7.33
C ASP A 83 3.43 -9.56 -7.50
N LEU A 84 4.52 -8.89 -7.82
CA LEU A 84 5.81 -9.53 -8.05
C LEU A 84 6.77 -9.12 -6.93
N ILE A 85 7.27 -10.11 -6.19
CA ILE A 85 8.19 -9.85 -5.09
C ILE A 85 9.58 -10.25 -5.53
N PHE A 86 10.49 -9.27 -5.54
CA PHE A 86 11.90 -9.50 -5.80
C PHE A 86 12.56 -9.60 -4.44
N CYS A 87 13.01 -10.80 -4.08
CA CYS A 87 13.70 -11.01 -2.81
C CYS A 87 15.18 -10.72 -3.01
N ALA A 88 15.68 -9.66 -2.40
CA ALA A 88 17.05 -9.21 -2.59
C ALA A 88 17.56 -8.63 -1.28
N ASP A 89 18.69 -9.16 -0.79
CA ASP A 89 19.34 -8.56 0.35
C ASP A 89 20.00 -7.24 -0.08
N LEU A 90 19.21 -6.16 -0.06
CA LEU A 90 19.71 -4.84 -0.43
C LEU A 90 20.28 -4.19 0.82
N ARG A 91 21.54 -4.49 1.10
CA ARG A 91 22.11 -4.13 2.40
C ARG A 91 22.49 -2.66 2.45
N GLY A 92 23.53 -2.27 1.71
CA GLY A 92 24.00 -0.90 1.83
C GLY A 92 24.16 -0.16 0.52
N GLU A 93 24.89 0.96 0.56
CA GLU A 93 25.32 1.72 -0.61
C GLU A 93 24.19 2.43 -1.32
N GLY A 94 23.08 2.69 -0.62
CA GLY A 94 21.90 3.23 -1.29
C GLY A 94 21.40 2.34 -2.40
N GLU A 95 21.51 1.02 -2.24
CA GLU A 95 21.02 0.08 -3.24
C GLU A 95 19.52 0.22 -3.46
N PHE A 96 18.78 0.72 -2.47
CA PHE A 96 17.35 0.94 -2.66
C PHE A 96 17.11 2.02 -3.69
N GLN A 97 18.06 2.94 -3.88
CA GLN A 97 17.90 3.97 -4.90
C GLN A 97 18.23 3.43 -6.29
N THR A 98 19.34 2.69 -6.43
CA THR A 98 19.65 2.12 -7.73
C THR A 98 18.57 1.17 -8.20
N VAL A 99 17.88 0.49 -7.27
CA VAL A 99 16.70 -0.28 -7.64
C VAL A 99 15.64 0.63 -8.23
N LYS A 100 15.37 1.75 -7.56
CA LYS A 100 14.46 2.75 -8.10
C LYS A 100 14.92 3.23 -9.47
N ASP A 101 16.23 3.36 -9.66
CA ASP A 101 16.75 3.84 -10.94
C ASP A 101 16.61 2.76 -12.01
N VAL A 102 16.92 1.51 -11.67
CA VAL A 102 16.90 0.44 -12.67
C VAL A 102 15.49 0.23 -13.20
N VAL A 103 14.50 0.18 -12.29
CA VAL A 103 13.12 0.02 -12.71
C VAL A 103 12.71 1.12 -13.68
N LEU A 104 13.11 2.36 -13.39
CA LEU A 104 12.75 3.47 -14.26
C LEU A 104 13.44 3.36 -15.62
N ASP A 105 14.68 2.86 -15.65
CA ASP A 105 15.32 2.68 -16.94
C ASP A 105 14.88 1.41 -17.65
N CYS A 106 14.15 0.53 -16.98
CA CYS A 106 13.45 -0.53 -17.69
C CYS A 106 12.17 0.00 -18.32
N LEU A 107 11.46 0.88 -17.60
CA LEU A 107 10.27 1.50 -18.17
C LEU A 107 10.59 2.26 -19.44
N LEU A 108 11.82 2.78 -19.55
CA LEU A 108 12.21 3.50 -20.76
C LEU A 108 12.32 2.57 -21.96
N ASP A 109 12.86 1.37 -21.76
CA ASP A 109 13.05 0.44 -22.87
C ASP A 109 11.74 -0.15 -23.35
N PHE A 110 10.77 -0.31 -22.45
CA PHE A 110 9.47 -0.89 -22.82
C PHE A 110 8.62 0.07 -23.64
N LEU A 111 9.05 1.31 -23.83
CA LEU A 111 8.26 2.29 -24.55
C LEU A 111 8.10 1.89 -26.02
N PRO A 112 6.94 2.17 -26.62
CA PRO A 112 6.76 1.90 -28.04
C PRO A 112 7.78 2.64 -28.88
N GLU A 113 8.08 2.09 -30.05
CA GLU A 113 8.98 2.76 -30.97
C GLU A 113 8.33 4.04 -31.50
N GLY A 114 9.15 5.05 -31.69
CA GLY A 114 8.67 6.34 -32.13
C GLY A 114 8.62 7.41 -31.07
N VAL A 115 9.29 7.21 -29.93
CA VAL A 115 9.38 8.20 -28.87
C VAL A 115 10.79 8.76 -28.87
N ASN A 116 10.90 10.09 -28.82
CA ASN A 116 12.21 10.72 -28.76
C ASN A 116 12.73 10.58 -27.33
N LYS A 117 13.37 9.43 -27.08
CA LYS A 117 13.79 9.06 -25.74
C LYS A 117 14.67 10.10 -25.09
N GLU A 118 15.22 11.05 -25.85
CA GLU A 118 16.16 12.01 -25.30
C GLU A 118 15.49 13.01 -24.37
N LYS A 119 14.23 13.34 -24.62
CA LYS A 119 13.52 14.26 -23.73
C LYS A 119 12.98 13.58 -22.48
N ILE A 120 13.05 12.26 -22.39
CA ILE A 120 12.42 11.53 -21.30
C ILE A 120 13.44 11.34 -20.18
N THR A 121 13.26 12.08 -19.10
CA THR A 121 14.04 11.91 -17.89
C THR A 121 13.48 10.76 -17.06
N PRO A 122 14.25 10.24 -16.10
CA PRO A 122 13.66 9.32 -15.13
C PRO A 122 12.48 9.94 -14.41
N LEU A 123 12.60 11.20 -14.02
CA LEU A 123 11.54 11.86 -13.28
C LEU A 123 10.27 11.97 -14.12
N THR A 124 10.41 12.25 -15.42
CA THR A 124 9.23 12.32 -16.28
C THR A 124 8.60 10.95 -16.45
N LEU A 125 9.42 9.88 -16.49
CA LEU A 125 8.86 8.54 -16.47
C LEU A 125 8.11 8.27 -15.18
N LYS A 126 8.68 8.68 -14.04
CA LYS A 126 8.01 8.52 -12.77
C LYS A 126 6.63 9.17 -12.80
N GLU A 127 6.59 10.47 -13.11
CA GLU A 127 5.33 11.20 -13.13
C GLU A 127 4.39 10.73 -14.23
N ALA A 128 4.90 10.00 -15.22
CA ALA A 128 4.04 9.50 -16.29
C ALA A 128 3.32 8.22 -15.89
N TYR A 129 4.07 7.19 -15.48
CA TYR A 129 3.53 5.86 -15.34
C TYR A 129 3.40 5.38 -13.89
N VAL A 130 4.15 5.93 -12.95
CA VAL A 130 4.11 5.42 -11.59
C VAL A 130 2.84 5.87 -10.90
N GLN A 131 2.24 4.97 -10.13
CA GLN A 131 1.07 5.25 -9.32
C GLN A 131 1.40 5.41 -7.84
N LYS A 132 2.25 4.54 -7.30
CA LYS A 132 2.71 4.61 -5.92
C LYS A 132 4.18 4.27 -5.86
N MET A 133 4.84 4.80 -4.83
CA MET A 133 6.23 4.48 -4.53
C MET A 133 6.39 4.50 -3.04
N VAL A 134 6.79 3.38 -2.45
CA VAL A 134 6.96 3.29 -1.00
C VAL A 134 8.30 2.65 -0.70
N LYS A 135 8.99 3.19 0.30
CA LYS A 135 10.26 2.65 0.80
C LYS A 135 10.21 2.68 2.31
N VAL A 136 10.57 1.57 2.94
CA VAL A 136 10.52 1.46 4.39
C VAL A 136 11.79 0.81 4.89
N CYS A 137 12.57 1.54 5.70
CA CYS A 137 13.74 1.01 6.40
C CYS A 137 13.60 1.39 7.87
N ASN A 138 12.75 0.66 8.58
CA ASN A 138 12.51 0.87 10.00
C ASN A 138 12.61 -0.47 10.69
N ASP A 139 13.37 -0.52 11.79
CA ASP A 139 13.68 -1.72 12.56
C ASP A 139 13.97 -2.93 11.67
N SER A 140 13.25 -4.04 11.93
CA SER A 140 13.50 -5.29 11.22
C SER A 140 13.06 -5.27 9.77
N ASP A 141 12.36 -4.22 9.33
CA ASP A 141 11.79 -4.18 7.98
C ASP A 141 12.67 -3.39 7.03
N ARG A 142 12.97 -4.00 5.89
CA ARG A 142 13.69 -3.34 4.79
C ARG A 142 13.04 -3.74 3.48
N TRP A 143 12.27 -2.83 2.88
CA TRP A 143 11.58 -3.17 1.64
C TRP A 143 11.12 -1.94 0.88
N SER A 144 10.93 -2.12 -0.42
CA SER A 144 10.61 -1.06 -1.35
C SER A 144 9.47 -1.50 -2.26
N LEU A 145 8.90 -0.54 -2.99
CA LEU A 145 7.67 -0.80 -3.75
C LEU A 145 7.55 0.22 -4.87
N ILE A 146 7.16 -0.28 -6.05
CA ILE A 146 6.89 0.58 -7.21
C ILE A 146 5.63 0.04 -7.87
N SER A 147 4.53 0.75 -7.69
CA SER A 147 3.23 0.31 -8.18
C SER A 147 2.97 0.94 -9.55
N LEU A 148 3.04 0.14 -10.60
CA LEU A 148 2.69 0.60 -11.93
C LEU A 148 1.18 0.69 -12.07
N SER A 149 0.73 1.61 -12.92
CA SER A 149 -0.68 1.96 -13.00
C SER A 149 -1.31 1.39 -14.26
N ASN A 150 -2.63 1.15 -14.20
CA ASN A 150 -3.39 0.68 -15.34
C ASN A 150 -4.81 1.23 -15.23
N ASN A 151 -5.25 1.95 -16.26
CA ASN A 151 -6.55 2.62 -16.21
C ASN A 151 -7.70 1.64 -16.07
N SER A 152 -7.50 0.38 -16.44
CA SER A 152 -8.57 -0.62 -16.45
C SER A 152 -8.72 -1.33 -15.10
N GLY A 153 -8.02 -0.88 -14.07
CA GLY A 153 -8.16 -1.46 -12.75
C GLY A 153 -7.00 -2.33 -12.28
N LYS A 154 -6.46 -3.16 -13.18
CA LYS A 154 -5.36 -4.04 -12.81
C LYS A 154 -4.21 -3.24 -12.22
N ASN A 155 -3.49 -3.85 -11.29
CA ASN A 155 -2.41 -3.20 -10.55
C ASN A 155 -1.18 -4.08 -10.58
N VAL A 156 -0.13 -3.61 -11.24
CA VAL A 156 1.12 -4.37 -11.38
C VAL A 156 2.11 -3.79 -10.37
N GLU A 157 2.17 -4.41 -9.19
CA GLU A 157 3.03 -3.92 -8.12
C GLU A 157 4.37 -4.67 -8.17
N LEU A 158 5.45 -3.92 -8.13
CA LEU A 158 6.81 -4.47 -8.06
C LEU A 158 7.35 -4.22 -6.66
N LYS A 159 7.53 -5.30 -5.90
CA LYS A 159 8.00 -5.22 -4.52
C LYS A 159 9.42 -5.73 -4.42
N PHE A 160 10.28 -4.97 -3.74
CA PHE A 160 11.66 -5.35 -3.50
C PHE A 160 11.85 -5.49 -1.99
N VAL A 161 11.99 -6.72 -1.51
CA VAL A 161 11.90 -7.01 -0.09
C VAL A 161 13.20 -7.64 0.39
N ASP A 162 13.90 -6.94 1.28
CA ASP A 162 14.99 -7.54 2.04
C ASP A 162 14.46 -8.32 3.22
N SER A 163 13.65 -7.66 4.06
CA SER A 163 13.10 -8.29 5.25
C SER A 163 11.75 -7.64 5.57
N LEU A 164 10.75 -8.48 5.86
CA LEU A 164 9.40 -8.02 6.16
C LEU A 164 8.82 -8.89 7.28
N ARG A 165 8.36 -8.25 8.35
CA ARG A 165 7.88 -8.95 9.55
C ARG A 165 6.75 -9.91 9.24
N ARG A 166 5.60 -9.38 8.84
CA ARG A 166 4.40 -10.16 8.56
C ARG A 166 4.16 -10.17 7.06
N GLN A 167 4.20 -11.37 6.46
CA GLN A 167 4.06 -11.53 5.01
C GLN A 167 2.72 -12.11 4.60
N PHE A 168 1.74 -12.17 5.50
CA PHE A 168 0.45 -12.76 5.16
C PHE A 168 -0.61 -12.23 6.11
N GLU A 169 -1.86 -12.58 5.81
CA GLU A 169 -3.00 -12.24 6.67
C GLU A 169 -3.71 -13.51 7.11
N PHE A 170 -4.40 -14.20 6.20
CA PHE A 170 -5.02 -15.49 6.45
C PHE A 170 -4.26 -16.57 5.70
N SER A 171 -4.76 -17.81 5.81
CA SER A 171 -4.07 -18.93 5.17
C SER A 171 -4.17 -18.88 3.66
N VAL A 172 -5.25 -18.29 3.13
CA VAL A 172 -5.53 -18.37 1.69
C VAL A 172 -4.87 -17.27 0.89
N ASP A 173 -4.22 -16.30 1.54
CA ASP A 173 -3.39 -15.32 0.86
C ASP A 173 -1.91 -15.57 1.09
N SER A 174 -1.55 -16.66 1.76
CA SER A 174 -0.17 -16.88 2.20
C SER A 174 0.72 -17.47 1.12
N PHE A 175 0.15 -18.00 0.03
CA PHE A 175 0.99 -18.71 -0.93
C PHE A 175 1.88 -17.77 -1.72
N GLN A 176 3.10 -18.22 -1.98
CA GLN A 176 4.08 -17.51 -2.76
C GLN A 176 4.71 -18.53 -3.70
N ILE A 177 4.73 -18.23 -4.99
CA ILE A 177 5.12 -19.22 -6.00
C ILE A 177 6.36 -18.72 -6.71
N LYS A 178 7.46 -19.46 -6.58
CA LYS A 178 8.71 -19.08 -7.24
C LYS A 178 8.55 -19.14 -8.75
N LEU A 179 9.26 -18.24 -9.44
CA LEU A 179 9.11 -18.09 -10.89
C LEU A 179 10.38 -18.42 -11.66
N ASP A 180 11.48 -18.76 -11.00
CA ASP A 180 12.73 -18.98 -11.70
C ASP A 180 12.66 -20.19 -12.62
N SER A 181 11.95 -21.25 -12.19
CA SER A 181 11.76 -22.41 -13.06
C SER A 181 11.06 -22.02 -14.35
N LEU A 182 10.03 -21.19 -14.23
CA LEU A 182 9.23 -20.82 -15.39
C LEU A 182 10.05 -19.96 -16.37
N LEU A 183 10.84 -19.03 -15.86
CA LEU A 183 11.59 -18.16 -16.75
C LEU A 183 12.71 -18.93 -17.45
N LEU A 184 13.38 -19.83 -16.73
CA LEU A 184 14.41 -20.65 -17.36
C LEU A 184 13.82 -21.54 -18.45
N PHE A 185 12.57 -21.96 -18.30
CA PHE A 185 11.93 -22.78 -19.31
C PHE A 185 11.85 -22.04 -20.64
N TYR A 186 11.43 -20.77 -20.60
CA TYR A 186 11.23 -20.01 -21.83
C TYR A 186 12.53 -19.80 -22.60
N GLU A 187 13.66 -19.69 -21.90
CA GLU A 187 14.93 -19.51 -22.58
C GLU A 187 15.47 -20.79 -23.17
N CYS A 188 15.19 -21.93 -22.54
CA CYS A 188 15.88 -23.17 -22.90
C CYS A 188 15.27 -23.83 -24.12
N SER A 189 13.95 -23.77 -24.26
CA SER A 189 13.24 -24.49 -25.29
C SER A 189 12.52 -23.52 -26.21
N GLU A 190 12.58 -23.80 -27.51
CA GLU A 190 11.67 -23.16 -28.44
C GLU A 190 10.32 -23.87 -28.47
N ASN A 191 10.25 -25.08 -27.92
CA ASN A 191 9.00 -25.83 -27.95
C ASN A 191 8.04 -25.27 -26.91
N PRO A 192 6.74 -25.27 -27.19
CA PRO A 192 5.76 -24.76 -26.23
C PRO A 192 5.45 -25.77 -25.12
N MET A 193 4.73 -25.29 -24.12
CA MET A 193 4.40 -26.06 -22.94
C MET A 193 3.31 -27.09 -23.25
N THR A 194 3.52 -28.32 -22.79
CA THR A 194 2.56 -29.41 -22.96
C THR A 194 2.28 -30.07 -21.62
N GLU A 195 1.37 -31.03 -21.63
CA GLU A 195 1.03 -31.78 -20.41
C GLU A 195 2.19 -32.65 -19.95
N THR A 196 3.13 -32.96 -20.82
CA THR A 196 4.35 -33.67 -20.45
C THR A 196 5.59 -32.79 -20.41
N PHE A 197 5.64 -31.74 -21.22
CA PHE A 197 6.75 -30.78 -21.23
C PHE A 197 6.27 -29.48 -20.58
N HIS A 198 6.40 -29.41 -19.26
CA HIS A 198 6.11 -28.19 -18.52
C HIS A 198 7.06 -28.13 -17.33
N PRO A 199 7.40 -26.93 -16.86
CA PRO A 199 8.43 -26.82 -15.82
C PRO A 199 7.94 -27.26 -14.45
N THR A 200 8.92 -27.60 -13.61
CA THR A 200 8.66 -28.00 -12.23
C THR A 200 8.65 -26.74 -11.37
N ILE A 201 7.50 -26.39 -10.82
CA ILE A 201 7.32 -25.15 -10.07
C ILE A 201 6.84 -25.47 -8.67
N ILE A 202 7.44 -24.81 -7.68
CA ILE A 202 7.25 -25.13 -6.27
C ILE A 202 6.47 -24.01 -5.60
N GLY A 203 5.36 -24.38 -4.96
CA GLY A 203 4.61 -23.43 -4.18
C GLY A 203 5.05 -23.44 -2.72
N GLU A 204 5.04 -22.27 -2.11
CA GLU A 204 5.41 -22.11 -0.72
C GLU A 204 4.38 -21.24 -0.01
N SER A 205 4.40 -21.31 1.32
CA SER A 205 3.47 -20.55 2.15
C SER A 205 4.22 -19.88 3.28
N VAL A 206 4.06 -18.55 3.40
CA VAL A 206 4.65 -17.82 4.51
C VAL A 206 3.97 -18.10 5.84
N TYR A 207 2.92 -18.91 5.85
CA TYR A 207 2.25 -19.37 7.06
C TYR A 207 2.35 -20.90 7.06
N GLY A 208 3.23 -21.44 7.88
CA GLY A 208 3.40 -22.88 8.06
C GLY A 208 3.57 -23.68 6.77
N ASP A 209 2.95 -24.87 6.77
CA ASP A 209 3.15 -25.84 5.72
C ASP A 209 2.29 -25.52 4.49
N PHE A 210 2.89 -25.69 3.31
CA PHE A 210 2.13 -25.52 2.07
C PHE A 210 0.95 -26.47 2.00
N GLN A 211 1.12 -27.70 2.50
CA GLN A 211 0.02 -28.66 2.43
C GLN A 211 -1.14 -28.27 3.34
N GLU A 212 -0.83 -27.73 4.52
CA GLU A 212 -1.89 -27.23 5.39
C GLU A 212 -2.64 -26.08 4.73
N ALA A 213 -1.90 -25.11 4.20
CA ALA A 213 -2.53 -23.95 3.58
C ALA A 213 -3.28 -24.32 2.31
N PHE A 214 -2.78 -25.29 1.54
CA PHE A 214 -3.46 -25.67 0.30
C PHE A 214 -4.79 -26.35 0.58
N ASP A 215 -4.88 -27.13 1.66
CA ASP A 215 -6.13 -27.79 1.98
C ASP A 215 -7.16 -26.78 2.48
N HIS A 216 -6.70 -25.70 3.13
CA HIS A 216 -7.61 -24.64 3.54
C HIS A 216 -8.16 -23.90 2.33
N LEU A 217 -7.29 -23.59 1.36
CA LEU A 217 -7.74 -22.90 0.15
C LEU A 217 -8.70 -23.77 -0.65
N CYS A 218 -8.57 -25.09 -0.55
CA CYS A 218 -9.38 -25.98 -1.37
C CYS A 218 -10.73 -26.26 -0.72
N ASN A 219 -10.74 -26.46 0.60
CA ASN A 219 -11.97 -26.69 1.33
C ASN A 219 -12.68 -25.40 1.72
N LYS A 220 -12.14 -24.24 1.32
CA LYS A 220 -12.66 -22.95 1.76
C LYS A 220 -12.69 -22.89 3.29
N ILE A 221 -11.52 -22.71 3.90
CA ILE A 221 -11.37 -22.75 5.36
C ILE A 221 -10.61 -21.50 5.79
N ILE A 222 -11.23 -20.72 6.68
CA ILE A 222 -10.59 -19.52 7.21
C ILE A 222 -9.69 -19.91 8.37
N ALA A 223 -8.38 -19.78 8.21
CA ALA A 223 -7.41 -20.08 9.27
C ALA A 223 -6.31 -19.04 9.24
N THR A 224 -5.67 -18.84 10.38
CA THR A 224 -4.61 -17.85 10.51
C THR A 224 -3.78 -18.14 11.75
N ARG A 225 -2.57 -17.59 11.76
CA ARG A 225 -1.68 -17.65 12.91
C ARG A 225 -1.14 -16.26 13.19
N ASN A 226 -0.47 -16.12 14.33
CA ASN A 226 0.13 -14.86 14.75
C ASN A 226 -0.88 -13.71 14.66
N PRO A 227 -2.00 -13.79 15.40
CA PRO A 227 -3.00 -12.71 15.30
C PRO A 227 -2.59 -11.42 15.98
N GLU A 228 -1.38 -11.34 16.53
CA GLU A 228 -0.92 -10.11 17.15
C GLU A 228 -0.71 -8.99 16.14
N GLU A 229 -0.69 -9.31 14.84
CA GLU A 229 -0.63 -8.31 13.78
C GLU A 229 -2.03 -7.95 13.28
N ILE A 230 -3.07 -8.24 14.06
CA ILE A 230 -4.44 -7.98 13.64
C ILE A 230 -4.68 -6.48 13.56
N ARG A 231 -5.78 -6.10 12.91
CA ARG A 231 -6.14 -4.70 12.76
C ARG A 231 -7.66 -4.59 12.71
N GLY A 232 -8.15 -3.36 12.71
CA GLY A 232 -9.56 -3.13 12.52
C GLY A 232 -10.10 -3.72 11.23
N GLY A 233 -9.28 -3.68 10.17
CA GLY A 233 -9.62 -4.39 8.95
C GLY A 233 -9.58 -5.90 9.09
N GLY A 234 -8.91 -6.41 10.13
CA GLY A 234 -8.90 -7.84 10.37
C GLY A 234 -10.30 -8.41 10.51
N LEU A 235 -11.15 -7.72 11.27
CA LEU A 235 -12.56 -8.12 11.34
C LEU A 235 -13.21 -8.04 9.98
N LEU A 236 -12.96 -6.95 9.24
CA LEU A 236 -13.58 -6.79 7.92
C LEU A 236 -13.05 -7.82 6.94
N LYS A 237 -11.74 -8.06 6.94
CA LYS A 237 -11.16 -9.10 6.11
C LYS A 237 -11.78 -10.46 6.43
N TYR A 238 -11.96 -10.73 7.72
CA TYR A 238 -12.54 -12.01 8.15
C TYR A 238 -13.91 -12.22 7.53
N CYS A 239 -14.74 -11.18 7.50
CA CYS A 239 -16.07 -11.31 6.92
C CYS A 239 -16.02 -11.46 5.41
N ASN A 240 -15.05 -10.80 4.76
CA ASN A 240 -14.98 -10.85 3.30
C ASN A 240 -14.80 -12.27 2.81
N LEU A 241 -13.99 -13.06 3.52
CA LEU A 241 -13.91 -14.48 3.20
C LEU A 241 -15.20 -15.20 3.54
N LEU A 242 -15.78 -14.88 4.70
CA LEU A 242 -16.92 -15.64 5.20
C LEU A 242 -18.12 -15.51 4.27
N VAL A 243 -18.31 -14.33 3.67
CA VAL A 243 -19.45 -14.12 2.78
C VAL A 243 -19.19 -14.73 1.39
N ARG A 244 -17.92 -14.79 0.97
CA ARG A 244 -17.57 -15.44 -0.29
C ARG A 244 -17.75 -16.95 -0.24
N GLY A 245 -18.20 -17.51 0.89
CA GLY A 245 -18.40 -18.93 1.02
C GLY A 245 -17.41 -19.63 1.93
N PHE A 246 -16.42 -18.91 2.45
CA PHE A 246 -15.43 -19.52 3.34
C PHE A 246 -16.04 -19.75 4.73
N ARG A 247 -15.46 -20.70 5.44
CA ARG A 247 -15.96 -21.11 6.75
C ARG A 247 -14.78 -21.28 7.69
N PRO A 248 -14.94 -20.97 8.97
CA PRO A 248 -13.90 -21.30 9.95
C PRO A 248 -13.80 -22.80 10.16
N ALA A 249 -12.71 -23.20 10.81
CA ALA A 249 -12.42 -24.61 11.01
C ALA A 249 -12.76 -25.11 12.41
N SER A 250 -13.33 -24.27 13.26
CA SER A 250 -13.70 -24.61 14.63
C SER A 250 -12.47 -25.03 15.45
N ASP A 251 -11.63 -24.03 15.72
CA ASP A 251 -10.45 -24.24 16.54
C ASP A 251 -10.03 -22.97 17.29
N GLU A 252 -10.78 -22.61 18.34
CA GLU A 252 -10.43 -21.53 19.24
C GLU A 252 -10.40 -20.17 18.53
N ILE A 253 -11.51 -19.84 17.87
CA ILE A 253 -11.73 -18.50 17.33
C ILE A 253 -12.24 -17.63 18.46
N LYS A 254 -12.14 -18.14 19.69
CA LYS A 254 -12.79 -17.53 20.83
C LYS A 254 -12.17 -16.17 21.13
N THR A 255 -10.85 -16.15 21.38
CA THR A 255 -10.17 -14.88 21.58
C THR A 255 -10.04 -14.11 20.28
N LEU A 256 -9.89 -14.82 19.15
CA LEU A 256 -9.68 -14.16 17.87
C LEU A 256 -10.91 -13.34 17.46
N GLN A 257 -12.08 -13.99 17.38
CA GLN A 257 -13.29 -13.28 16.97
C GLN A 257 -13.67 -12.18 17.94
N ARG A 258 -13.15 -12.21 19.17
CA ARG A 258 -13.29 -11.07 20.07
C ARG A 258 -12.22 -10.02 19.81
N TYR A 259 -11.00 -10.43 19.46
CA TYR A 259 -9.93 -9.47 19.24
C TYR A 259 -10.23 -8.57 18.06
N MET A 260 -10.65 -9.16 16.94
CA MET A 260 -11.00 -8.39 15.77
C MET A 260 -12.09 -7.37 16.09
N CYS A 261 -13.11 -7.79 16.85
CA CYS A 261 -14.09 -6.85 17.35
C CYS A 261 -13.44 -5.85 18.30
N SER A 262 -12.62 -6.35 19.24
CA SER A 262 -11.96 -5.46 20.20
C SER A 262 -11.04 -4.48 19.49
N ARG A 263 -10.28 -4.97 18.50
CA ARG A 263 -9.35 -4.08 17.79
C ARG A 263 -10.07 -3.16 16.82
N PHE A 264 -11.24 -3.54 16.32
CA PHE A 264 -11.98 -2.65 15.42
C PHE A 264 -12.65 -1.53 16.19
N PHE A 265 -13.12 -1.79 17.42
CA PHE A 265 -13.66 -0.72 18.25
C PHE A 265 -12.58 0.28 18.63
N ILE A 266 -11.40 -0.21 19.02
CA ILE A 266 -10.31 0.67 19.41
C ILE A 266 -9.87 1.53 18.23
N ASP A 267 -9.69 0.90 17.06
CA ASP A 267 -9.25 1.64 15.88
C ASP A 267 -10.30 2.63 15.40
N PHE A 268 -11.59 2.37 15.70
CA PHE A 268 -12.70 3.19 15.22
C PHE A 268 -13.65 3.39 16.40
N SER A 269 -13.33 4.36 17.26
CA SER A 269 -14.12 4.59 18.45
C SER A 269 -15.36 5.43 18.17
N ASP A 270 -15.26 6.38 17.24
CA ASP A 270 -16.39 7.27 16.96
C ASP A 270 -17.46 6.54 16.15
N ILE A 271 -18.71 6.99 16.30
CA ILE A 271 -19.79 6.49 15.45
C ILE A 271 -19.60 6.97 14.02
N GLY A 272 -19.18 8.22 13.84
CA GLY A 272 -18.88 8.71 12.51
C GLY A 272 -17.72 7.97 11.86
N GLU A 273 -16.67 7.69 12.64
CA GLU A 273 -15.53 6.93 12.12
C GLU A 273 -15.98 5.56 11.61
N GLN A 274 -16.79 4.85 12.40
CA GLN A 274 -17.22 3.52 12.02
C GLN A 274 -18.09 3.56 10.77
N GLN A 275 -18.99 4.54 10.67
CA GLN A 275 -19.86 4.62 9.51
C GLN A 275 -19.08 4.96 8.25
N ARG A 276 -17.96 5.68 8.37
CA ARG A 276 -17.18 5.99 7.19
C ARG A 276 -16.33 4.80 6.73
N LYS A 277 -15.71 4.09 7.68
CA LYS A 277 -14.95 2.90 7.30
C LYS A 277 -15.86 1.82 6.72
N LEU A 278 -17.09 1.71 7.23
CA LEU A 278 -18.01 0.71 6.70
C LEU A 278 -18.52 1.10 5.33
N GLU A 279 -18.99 2.35 5.19
CA GLU A 279 -19.48 2.82 3.89
C GLU A 279 -18.39 2.74 2.84
N SER A 280 -17.15 3.09 3.21
CA SER A 280 -16.04 2.99 2.28
C SER A 280 -15.77 1.55 1.90
N TYR A 281 -15.77 0.65 2.88
CA TYR A 281 -15.50 -0.76 2.61
C TYR A 281 -16.53 -1.34 1.65
N LEU A 282 -17.79 -0.92 1.77
CA LEU A 282 -18.84 -1.49 0.93
C LEU A 282 -18.64 -1.13 -0.53
N GLN A 283 -18.37 0.14 -0.82
CA GLN A 283 -18.25 0.56 -2.22
C GLN A 283 -16.89 0.22 -2.81
N ASN A 284 -15.84 0.17 -2.00
CA ASN A 284 -14.51 -0.16 -2.51
C ASN A 284 -14.30 -1.67 -2.67
N HIS A 285 -15.27 -2.49 -2.30
CA HIS A 285 -15.19 -3.94 -2.49
C HIS A 285 -16.38 -4.56 -3.17
N PHE A 286 -17.54 -3.90 -3.19
CA PHE A 286 -18.75 -4.47 -3.79
C PHE A 286 -19.49 -3.41 -4.59
N VAL A 287 -18.79 -2.75 -5.51
CA VAL A 287 -19.42 -1.74 -6.36
C VAL A 287 -20.45 -2.41 -7.27
N GLY A 288 -21.64 -1.83 -7.32
CA GLY A 288 -22.71 -2.39 -8.12
C GLY A 288 -23.31 -3.67 -7.55
N LEU A 289 -22.59 -4.32 -6.64
CA LEU A 289 -23.01 -5.58 -6.07
C LEU A 289 -23.80 -5.31 -4.78
N GLU A 290 -25.06 -4.91 -4.98
CA GLU A 290 -25.93 -4.58 -3.85
C GLU A 290 -26.59 -5.80 -3.24
N ASP A 291 -26.50 -6.97 -3.87
CA ASP A 291 -26.87 -8.20 -3.21
C ASP A 291 -25.75 -8.68 -2.29
N ARG A 292 -24.50 -8.50 -2.71
CA ARG A 292 -23.36 -8.85 -1.88
C ARG A 292 -23.08 -7.78 -0.84
N LYS A 293 -23.45 -6.53 -1.10
CA LYS A 293 -23.39 -5.50 -0.08
C LYS A 293 -24.32 -5.84 1.09
N TYR A 294 -25.55 -6.23 0.77
CA TYR A 294 -26.50 -6.59 1.82
C TYR A 294 -26.02 -7.82 2.58
N GLU A 295 -25.70 -8.89 1.85
CA GLU A 295 -25.27 -10.12 2.51
C GLU A 295 -23.99 -9.93 3.30
N TYR A 296 -23.16 -8.95 2.94
CA TYR A 296 -21.97 -8.66 3.74
C TYR A 296 -22.37 -8.08 5.08
N LEU A 297 -23.13 -6.98 5.07
CA LEU A 297 -23.52 -6.36 6.33
C LEU A 297 -24.27 -7.32 7.22
N MET A 298 -24.97 -8.29 6.63
CA MET A 298 -25.65 -9.30 7.44
C MET A 298 -24.67 -10.27 8.07
N THR A 299 -23.65 -10.69 7.34
CA THR A 299 -22.62 -11.54 7.94
C THR A 299 -21.81 -10.75 8.96
N LEU A 300 -21.43 -9.52 8.64
CA LEU A 300 -20.72 -8.68 9.61
C LEU A 300 -21.58 -8.44 10.84
N HIS A 301 -22.88 -8.20 10.64
CA HIS A 301 -23.80 -8.05 11.75
C HIS A 301 -23.70 -9.24 12.71
N GLY A 302 -23.99 -10.44 12.20
CA GLY A 302 -24.04 -11.62 13.05
C GLY A 302 -22.72 -11.92 13.71
N VAL A 303 -21.60 -11.66 13.02
CA VAL A 303 -20.29 -11.92 13.62
C VAL A 303 -20.08 -11.00 14.82
N VAL A 304 -20.32 -9.70 14.65
CA VAL A 304 -20.13 -8.76 15.74
C VAL A 304 -21.06 -9.09 16.91
N ASN A 305 -22.29 -9.47 16.62
CA ASN A 305 -23.25 -9.74 17.68
C ASN A 305 -22.82 -10.97 18.48
N GLU A 306 -22.63 -12.11 17.81
CA GLU A 306 -22.36 -13.35 18.53
C GLU A 306 -20.95 -13.40 19.11
N SER A 307 -19.97 -12.80 18.42
CA SER A 307 -18.59 -12.88 18.91
C SER A 307 -18.33 -11.90 20.05
N THR A 308 -18.75 -10.64 19.89
CA THR A 308 -18.55 -9.66 20.95
C THR A 308 -19.42 -9.99 22.15
N VAL A 309 -18.89 -10.77 23.07
CA VAL A 309 -19.58 -11.08 24.32
C VAL A 309 -19.33 -9.97 25.32
N CYS A 310 -18.73 -8.88 24.83
CA CYS A 310 -18.33 -7.77 25.70
C CYS A 310 -19.55 -7.20 26.43
N LEU A 311 -19.43 -7.11 27.76
CA LEU A 311 -20.55 -6.66 28.58
C LEU A 311 -20.96 -5.23 28.24
N MET A 312 -20.01 -4.40 27.81
CA MET A 312 -20.30 -3.00 27.55
C MET A 312 -21.02 -2.83 26.22
N GLY A 313 -22.04 -1.98 26.21
CA GLY A 313 -22.86 -1.79 25.04
C GLY A 313 -22.64 -0.48 24.33
N HIS A 314 -21.84 0.42 24.93
CA HIS A 314 -21.51 1.69 24.27
C HIS A 314 -20.89 1.44 22.90
N GLU A 315 -20.00 0.45 22.81
CA GLU A 315 -19.44 0.09 21.51
C GLU A 315 -20.34 -0.90 20.79
N ARG A 316 -20.95 -1.84 21.52
CA ARG A 316 -21.72 -2.89 20.88
C ARG A 316 -23.01 -2.35 20.27
N ARG A 317 -23.83 -1.68 21.07
CA ARG A 317 -25.15 -1.24 20.61
C ARG A 317 -25.03 -0.26 19.44
N GLN A 318 -24.17 0.76 19.59
CA GLN A 318 -24.02 1.75 18.53
C GLN A 318 -23.43 1.12 17.26
N THR A 319 -22.42 0.25 17.41
CA THR A 319 -21.89 -0.46 16.27
C THR A 319 -22.96 -1.32 15.62
N LEU A 320 -23.70 -2.08 16.45
CA LEU A 320 -24.72 -2.97 15.92
C LEU A 320 -25.79 -2.19 15.16
N ASN A 321 -26.07 -0.95 15.57
CA ASN A 321 -27.07 -0.13 14.91
C ASN A 321 -26.60 0.39 13.56
N LEU A 322 -25.33 0.78 13.47
CA LEU A 322 -24.79 1.25 12.20
C LEU A 322 -24.91 0.16 11.14
N ILE A 323 -24.74 -1.10 11.54
CA ILE A 323 -24.88 -2.20 10.60
C ILE A 323 -26.36 -2.35 10.21
N THR A 324 -27.26 -2.22 11.17
CA THR A 324 -28.68 -2.37 10.87
C THR A 324 -29.18 -1.27 9.94
N MET A 325 -28.79 -0.03 10.21
CA MET A 325 -29.19 1.07 9.34
C MET A 325 -28.71 0.86 7.92
N LEU A 326 -27.40 0.65 7.76
CA LEU A 326 -26.83 0.51 6.41
C LEU A 326 -27.41 -0.70 5.68
N ALA A 327 -27.71 -1.77 6.41
CA ALA A 327 -28.35 -2.92 5.77
C ALA A 327 -29.70 -2.54 5.20
N ILE A 328 -30.42 -1.63 5.87
CA ILE A 328 -31.74 -1.22 5.42
C ILE A 328 -31.63 -0.19 4.30
N ARG A 329 -30.74 0.79 4.47
CA ARG A 329 -30.52 1.78 3.41
C ARG A 329 -30.02 1.14 2.12
N VAL A 330 -29.22 0.06 2.23
CA VAL A 330 -28.84 -0.69 1.05
C VAL A 330 -30.03 -1.46 0.49
N LEU A 331 -30.78 -2.13 1.37
CA LEU A 331 -31.95 -2.89 0.95
C LEU A 331 -32.95 -2.00 0.24
N ALA A 332 -33.43 -0.97 0.93
CA ALA A 332 -34.46 -0.06 0.43
C ALA A 332 -34.02 0.78 -0.77
N ASP A 333 -32.89 0.53 -1.41
CA ASP A 333 -32.51 1.29 -2.61
C ASP A 333 -32.38 0.36 -3.81
N VAL B 13 17.12 4.88 9.92
CA VAL B 13 15.67 4.83 9.74
C VAL B 13 15.21 5.74 8.61
N ASN B 14 14.52 5.14 7.64
CA ASN B 14 14.03 5.86 6.47
C ASN B 14 12.65 5.36 6.10
N ILE B 15 11.74 6.30 5.84
CA ILE B 15 10.38 5.98 5.37
C ILE B 15 10.01 7.05 4.34
N GLU B 16 9.73 6.61 3.11
CA GLU B 16 9.42 7.54 2.04
C GLU B 16 8.24 7.02 1.22
N PHE B 17 7.24 7.88 1.03
CA PHE B 17 6.01 7.56 0.32
C PHE B 17 5.71 8.63 -0.72
N GLU B 18 5.39 8.21 -1.94
CA GLU B 18 4.93 9.10 -2.99
C GLU B 18 3.70 8.50 -3.65
N ALA B 19 2.75 9.35 -4.01
CA ALA B 19 1.55 8.92 -4.70
C ALA B 19 1.20 9.94 -5.77
N TYR B 20 1.15 9.48 -7.02
CA TYR B 20 0.77 10.32 -8.15
C TYR B 20 -0.64 10.01 -8.65
N SER B 21 -1.45 9.30 -7.85
CA SER B 21 -2.74 8.80 -8.30
C SER B 21 -3.91 9.49 -7.59
N LEU B 22 -3.72 10.71 -7.14
CA LEU B 22 -4.79 11.40 -6.43
C LEU B 22 -5.75 12.04 -7.42
N SER B 23 -7.01 12.15 -7.01
CA SER B 23 -8.00 12.87 -7.79
C SER B 23 -7.96 14.35 -7.44
N ASP B 24 -8.57 15.17 -8.31
CA ASP B 24 -8.53 16.61 -8.14
C ASP B 24 -9.13 17.04 -6.81
N ASN B 25 -10.21 16.38 -6.39
CA ASN B 25 -10.84 16.70 -5.12
C ASN B 25 -10.19 15.99 -3.93
N ASP B 26 -9.46 14.90 -4.17
CA ASP B 26 -8.61 14.34 -3.12
C ASP B 26 -7.53 15.34 -2.71
N TYR B 27 -6.86 15.91 -3.71
CA TYR B 27 -5.94 17.02 -3.46
C TYR B 27 -6.67 18.18 -2.82
N ASP B 28 -7.81 18.58 -3.39
CA ASP B 28 -8.54 19.74 -2.90
C ASP B 28 -9.02 19.55 -1.47
N GLY B 29 -9.36 18.32 -1.10
CA GLY B 29 -9.77 18.06 0.28
C GLY B 29 -8.60 18.12 1.25
N ILE B 30 -7.46 17.55 0.85
CA ILE B 30 -6.28 17.59 1.72
C ILE B 30 -5.79 19.01 1.91
N LYS B 31 -5.88 19.84 0.85
CA LYS B 31 -5.49 21.24 0.99
C LYS B 31 -6.32 21.95 2.04
N LYS B 32 -7.61 21.66 2.10
CA LYS B 32 -8.44 22.20 3.18
C LYS B 32 -8.01 21.64 4.53
N LEU B 33 -7.63 20.36 4.58
CA LEU B 33 -7.14 19.77 5.81
C LEU B 33 -5.89 20.49 6.31
N LEU B 34 -4.96 20.76 5.41
CA LEU B 34 -3.73 21.45 5.80
C LEU B 34 -4.00 22.90 6.18
N GLN B 35 -5.03 23.51 5.57
CA GLN B 35 -5.26 24.93 5.80
C GLN B 35 -5.79 25.19 7.21
N GLN B 36 -6.69 24.34 7.69
CA GLN B 36 -7.14 24.46 9.07
C GLN B 36 -5.97 24.30 10.04
N LEU B 37 -5.02 23.43 9.71
CA LEU B 37 -3.84 23.29 10.53
C LEU B 37 -3.05 24.58 10.58
N PHE B 38 -3.01 25.32 9.47
CA PHE B 38 -2.32 26.59 9.44
C PHE B 38 -3.05 27.62 10.30
N LEU B 39 -4.37 27.63 10.23
CA LEU B 39 -5.16 28.62 10.96
C LEU B 39 -5.11 28.38 12.46
N LYS B 40 -4.92 27.12 12.87
CA LYS B 40 -4.96 26.78 14.30
C LYS B 40 -3.67 27.16 15.01
N ALA B 41 -2.59 27.39 14.28
CA ALA B 41 -1.29 27.67 14.87
C ALA B 41 -1.00 29.16 14.87
N PRO B 42 -0.03 29.61 15.67
CA PRO B 42 0.41 31.02 15.60
C PRO B 42 1.08 31.33 14.27
N VAL B 43 0.81 32.53 13.75
CA VAL B 43 1.32 32.99 12.46
C VAL B 43 2.43 34.00 12.69
N ASN B 44 3.55 33.81 12.01
CA ASN B 44 4.76 34.59 12.23
C ASN B 44 4.98 35.59 11.11
N THR B 45 5.41 36.79 11.48
CA THR B 45 5.70 37.88 10.53
C THR B 45 6.94 38.62 11.01
N ALA B 46 7.99 38.58 10.21
CA ALA B 46 9.21 39.32 10.51
C ALA B 46 10.02 39.61 9.25
N ASP B 66 2.15 27.22 -13.50
CA ASP B 66 2.82 27.32 -12.20
C ASP B 66 2.59 26.06 -11.38
N VAL B 67 3.06 26.09 -10.12
CA VAL B 67 2.97 24.95 -9.22
C VAL B 67 2.37 25.40 -7.89
N GLU B 68 1.70 24.47 -7.23
CA GLU B 68 1.19 24.64 -5.88
C GLU B 68 1.88 23.64 -4.96
N VAL B 69 2.23 24.08 -3.75
CA VAL B 69 2.79 23.17 -2.74
C VAL B 69 2.23 23.55 -1.38
N PHE B 70 1.72 22.56 -0.65
CA PHE B 70 1.21 22.77 0.70
C PHE B 70 1.57 21.57 1.57
N GLY B 71 1.86 21.85 2.83
CA GLY B 71 2.22 20.79 3.77
C GLY B 71 2.98 21.35 4.95
N PHE B 72 3.85 20.51 5.51
CA PHE B 72 4.64 20.92 6.66
C PHE B 72 5.89 20.06 6.75
N ILE B 73 6.88 20.58 7.49
CA ILE B 73 8.13 19.89 7.75
C ILE B 73 8.36 19.96 9.25
N SER B 74 8.20 18.83 9.93
CA SER B 74 8.33 18.75 11.38
C SER B 74 9.65 18.10 11.75
N LEU B 75 10.43 18.77 12.60
CA LEU B 75 11.68 18.20 13.10
C LEU B 75 11.39 17.31 14.30
N LEU B 76 12.07 16.17 14.36
CA LEU B 76 11.83 15.20 15.40
C LEU B 76 13.15 14.71 16.00
N ASN B 77 13.09 14.25 17.25
CA ASN B 77 14.23 13.67 17.94
C ASN B 77 13.89 12.21 18.27
N LEU B 78 14.68 11.28 17.72
CA LEU B 78 14.34 9.87 17.80
C LEU B 78 14.77 9.20 19.10
N THR B 79 15.50 9.90 19.97
CA THR B 79 15.85 9.35 21.28
C THR B 79 14.77 9.59 22.32
N GLU B 80 13.69 10.29 21.95
CA GLU B 80 12.60 10.63 22.86
C GLU B 80 11.42 9.69 22.63
N ARG B 81 10.64 9.47 23.69
CA ARG B 81 9.40 8.68 23.55
C ARG B 81 8.49 9.31 22.51
N LYS B 82 8.28 10.64 22.59
CA LYS B 82 7.46 11.33 21.61
C LYS B 82 7.97 11.10 20.19
N GLY B 83 9.29 11.15 20.01
CA GLY B 83 9.84 10.97 18.67
C GLY B 83 9.51 9.62 18.08
N THR B 84 9.69 8.56 18.87
CA THR B 84 9.41 7.21 18.37
C THR B 84 7.91 6.89 18.38
N GLN B 85 7.15 7.46 19.32
CA GLN B 85 5.71 7.24 19.30
C GLN B 85 5.07 7.84 18.06
N CYS B 86 5.61 8.95 17.56
CA CYS B 86 5.17 9.50 16.29
C CYS B 86 5.45 8.52 15.16
N VAL B 87 6.67 7.96 15.13
CA VAL B 87 7.08 7.09 14.03
C VAL B 87 6.15 5.89 13.93
N GLU B 88 5.72 5.34 15.08
CA GLU B 88 4.80 4.20 15.04
C GLU B 88 3.50 4.57 14.34
N GLN B 89 3.01 5.78 14.54
CA GLN B 89 1.82 6.22 13.82
C GLN B 89 2.12 6.54 12.36
N ILE B 90 3.23 7.22 12.11
CA ILE B 90 3.62 7.55 10.74
C ILE B 90 3.84 6.26 9.94
N GLN B 91 4.61 5.33 10.50
CA GLN B 91 4.82 4.05 9.83
C GLN B 91 3.50 3.30 9.63
N GLU B 92 2.59 3.40 10.59
CA GLU B 92 1.31 2.70 10.43
C GLU B 92 0.46 3.34 9.34
N LEU B 93 0.44 4.67 9.29
CA LEU B 93 -0.33 5.36 8.25
C LEU B 93 0.17 4.99 6.86
N VAL B 94 1.48 4.92 6.68
CA VAL B 94 2.04 4.56 5.38
C VAL B 94 1.68 3.12 5.03
N LEU B 95 1.73 2.22 6.02
CA LEU B 95 1.30 0.85 5.77
C LEU B 95 -0.15 0.80 5.32
N ARG B 96 -1.03 1.55 5.98
CA ARG B 96 -2.43 1.58 5.58
C ARG B 96 -2.62 2.22 4.22
N PHE B 97 -1.77 3.19 3.86
CA PHE B 97 -1.82 3.77 2.53
C PHE B 97 -1.39 2.80 1.45
N CYS B 98 -0.67 1.75 1.84
CA CYS B 98 -0.19 0.74 0.90
C CYS B 98 -1.26 -0.28 0.56
N GLU B 99 -2.48 -0.10 1.03
CA GLU B 99 -3.52 -1.07 0.74
C GLU B 99 -4.10 -0.81 -0.64
N LYS B 100 -4.85 -1.80 -1.15
CA LYS B 100 -5.22 -1.83 -2.55
C LYS B 100 -6.18 -0.71 -2.93
N ASN B 101 -7.42 -0.77 -2.44
CA ASN B 101 -8.44 0.20 -2.84
C ASN B 101 -8.39 1.43 -1.94
N CYS B 102 -7.22 1.72 -1.37
CA CYS B 102 -7.06 2.79 -0.39
C CYS B 102 -6.66 4.07 -1.12
N GLU B 103 -7.66 4.78 -1.64
CA GLU B 103 -7.40 6.05 -2.31
C GLU B 103 -8.38 7.14 -1.89
N LYS B 104 -9.67 6.85 -1.94
CA LYS B 104 -10.65 7.81 -1.46
C LYS B 104 -10.56 7.97 0.06
N SER B 105 -10.09 6.92 0.75
CA SER B 105 -9.88 6.97 2.19
C SER B 105 -8.72 7.86 2.59
N MET B 106 -7.90 8.31 1.63
CA MET B 106 -6.76 9.16 1.96
C MET B 106 -7.18 10.42 2.68
N VAL B 107 -8.27 11.05 2.21
CA VAL B 107 -8.71 12.30 2.82
C VAL B 107 -9.22 12.05 4.23
N GLU B 108 -9.94 10.95 4.44
CA GLU B 108 -10.44 10.64 5.77
C GLU B 108 -9.34 10.15 6.70
N GLN B 109 -8.43 9.31 6.20
CA GLN B 109 -7.35 8.81 7.03
C GLN B 109 -6.40 9.92 7.45
N LEU B 110 -6.21 10.93 6.59
CA LEU B 110 -5.41 12.08 6.98
C LEU B 110 -6.13 12.95 7.99
N ASP B 111 -7.47 12.99 7.93
CA ASP B 111 -8.24 13.76 8.89
C ASP B 111 -7.94 13.31 10.32
N LYS B 112 -7.92 12.00 10.55
CA LYS B 112 -7.52 11.49 11.86
C LYS B 112 -6.05 11.77 12.12
N PHE B 113 -5.19 11.38 11.18
CA PHE B 113 -3.74 11.42 11.36
C PHE B 113 -3.23 12.71 11.97
N LEU B 114 -3.57 13.85 11.36
CA LEU B 114 -2.99 15.11 11.76
C LEU B 114 -3.91 15.96 12.64
N ASN B 115 -5.17 15.58 12.82
CA ASN B 115 -6.08 16.33 13.67
C ASN B 115 -6.44 15.62 14.97
N ASP B 116 -6.01 14.37 15.16
CA ASP B 116 -6.29 13.64 16.40
C ASP B 116 -5.24 14.00 17.43
N THR B 117 -5.55 14.96 18.30
CA THR B 117 -4.65 15.32 19.39
C THR B 117 -4.52 14.23 20.44
N THR B 118 -5.37 13.22 20.42
CA THR B 118 -5.23 12.04 21.27
C THR B 118 -4.19 11.06 20.75
N LYS B 119 -3.40 11.48 19.76
CA LYS B 119 -2.42 10.65 19.08
C LYS B 119 -1.14 11.45 18.91
N PRO B 120 0.00 10.78 18.76
CA PRO B 120 1.27 11.52 18.72
C PRO B 120 1.36 12.57 17.62
N VAL B 121 1.02 12.20 16.39
CA VAL B 121 1.21 13.13 15.26
C VAL B 121 0.18 14.25 15.31
N GLY B 122 -1.07 13.94 15.64
CA GLY B 122 -2.06 14.98 15.81
C GLY B 122 -1.78 15.89 16.97
N LEU B 123 -1.10 15.38 18.01
CA LEU B 123 -0.71 16.21 19.15
C LEU B 123 0.53 17.04 18.84
N LEU B 124 1.48 16.46 18.08
CA LEU B 124 2.70 17.19 17.75
C LEU B 124 2.41 18.39 16.86
N LEU B 125 1.37 18.30 16.03
CA LEU B 125 1.02 19.41 15.14
C LEU B 125 0.17 20.47 15.81
N SER B 126 -0.38 20.21 16.99
CA SER B 126 -1.09 21.24 17.73
C SER B 126 -0.13 22.09 18.56
N GLU B 127 1.00 21.52 18.98
CA GLU B 127 2.02 22.23 19.74
C GLU B 127 3.12 22.73 18.80
N ARG B 128 3.63 23.93 19.10
CA ARG B 128 4.78 24.52 18.39
C ARG B 128 4.69 24.40 16.86
N PHE B 129 3.48 24.47 16.32
CA PHE B 129 3.31 24.61 14.88
C PHE B 129 3.42 26.09 14.53
N ILE B 130 4.28 26.42 13.56
CA ILE B 130 4.55 27.81 13.19
C ILE B 130 4.33 27.98 11.69
N ASN B 131 3.82 29.15 11.31
CA ASN B 131 3.53 29.48 9.92
C ASN B 131 4.54 30.51 9.43
N VAL B 132 5.35 30.12 8.46
CA VAL B 132 6.38 31.01 7.92
C VAL B 132 5.91 31.59 6.58
N PRO B 133 6.31 32.82 6.25
CA PRO B 133 5.95 33.39 4.95
C PRO B 133 6.61 32.62 3.81
N PRO B 134 6.15 32.82 2.56
CA PRO B 134 6.70 32.02 1.45
C PRO B 134 8.19 32.24 1.21
N GLN B 135 8.71 33.44 1.51
CA GLN B 135 10.15 33.69 1.36
C GLN B 135 10.98 32.79 2.27
N ILE B 136 10.39 32.29 3.36
CA ILE B 136 11.05 31.31 4.21
C ILE B 136 10.78 29.89 3.74
N ALA B 137 9.56 29.63 3.25
CA ALA B 137 9.16 28.26 2.97
C ALA B 137 9.85 27.71 1.72
N LEU B 138 10.00 28.53 0.68
CA LEU B 138 10.60 28.05 -0.56
C LEU B 138 12.00 27.48 -0.35
N PRO B 139 12.91 28.13 0.39
CA PRO B 139 14.22 27.49 0.64
C PRO B 139 14.11 26.15 1.34
N MET B 140 13.15 26.01 2.26
CA MET B 140 12.99 24.75 2.97
C MET B 140 12.46 23.66 2.06
N TYR B 141 11.46 23.99 1.24
CA TYR B 141 10.96 23.02 0.27
C TYR B 141 12.06 22.56 -0.67
N GLN B 142 12.85 23.51 -1.18
CA GLN B 142 13.83 23.19 -2.20
C GLN B 142 14.96 22.34 -1.64
N GLN B 143 15.35 22.55 -0.39
CA GLN B 143 16.39 21.70 0.19
C GLN B 143 15.86 20.30 0.47
N LEU B 144 14.61 20.20 0.97
CA LEU B 144 14.02 18.88 1.15
C LEU B 144 13.92 18.16 -0.18
N GLN B 145 13.57 18.88 -1.25
CA GLN B 145 13.52 18.26 -2.57
C GLN B 145 14.90 17.78 -3.01
N LYS B 146 15.96 18.48 -2.59
CA LYS B 146 17.31 18.01 -2.88
C LYS B 146 17.68 16.82 -2.02
N GLU B 147 17.46 16.92 -0.70
CA GLU B 147 17.86 15.84 0.20
C GLU B 147 17.11 14.55 -0.10
N LEU B 148 15.89 14.65 -0.65
CA LEU B 148 15.09 13.47 -0.95
C LEU B 148 15.48 12.77 -2.24
N ALA B 149 16.18 13.47 -3.13
CA ALA B 149 16.50 12.94 -4.45
C ALA B 149 17.77 12.08 -4.47
N GLY B 150 18.79 12.44 -3.68
CA GLY B 150 20.10 11.81 -3.78
C GLY B 150 20.40 10.93 -2.56
N ALA B 151 20.72 9.66 -2.84
CA ALA B 151 21.13 8.72 -1.80
C ALA B 151 22.59 8.91 -1.42
N GLY B 159 22.97 14.45 11.28
CA GLY B 159 21.77 13.65 11.48
C GLY B 159 20.62 14.42 12.11
N LYS B 160 19.52 14.55 11.37
CA LYS B 160 18.34 15.25 11.84
C LYS B 160 17.12 14.57 11.24
N CYS B 161 16.27 13.97 12.10
CA CYS B 161 15.08 13.28 11.62
C CYS B 161 13.97 14.28 11.32
N TYR B 162 13.61 14.37 10.04
CA TYR B 162 12.56 15.28 9.58
C TYR B 162 11.33 14.48 9.17
N PHE B 163 10.16 15.03 9.46
CA PHE B 163 8.86 14.44 9.12
C PHE B 163 8.15 15.43 8.21
N TYR B 164 7.83 15.00 7.00
CA TYR B 164 7.21 15.87 6.02
C TYR B 164 5.96 15.24 5.45
N LEU B 165 4.99 16.10 5.08
CA LEU B 165 3.82 15.72 4.32
C LEU B 165 3.57 16.84 3.33
N LEU B 166 3.53 16.53 2.04
CA LEU B 166 3.59 17.58 1.03
C LEU B 166 2.73 17.19 -0.17
N ILE B 167 1.60 17.87 -0.34
CA ILE B 167 0.84 17.77 -1.58
C ILE B 167 1.34 18.82 -2.55
N SER B 168 1.08 18.59 -3.84
CA SER B 168 1.56 19.51 -4.87
C SER B 168 0.71 19.35 -6.12
N LYS B 169 0.46 20.47 -6.81
CA LYS B 169 -0.33 20.49 -8.03
C LYS B 169 0.43 21.26 -9.11
N THR B 170 0.33 20.79 -10.35
CA THR B 170 0.93 21.45 -11.50
C THR B 170 -0.15 21.70 -12.54
N PHE B 171 -0.42 22.97 -12.82
CA PHE B 171 -1.45 23.35 -13.79
C PHE B 171 -0.92 23.29 -15.22
N GLN B 184 -6.24 27.06 -13.91
CA GLN B 184 -6.40 26.54 -15.27
C GLN B 184 -6.78 25.06 -15.24
N VAL B 185 -5.94 24.22 -15.86
CA VAL B 185 -6.14 22.78 -15.86
C VAL B 185 -5.39 22.18 -14.68
N THR B 186 -5.26 20.86 -14.65
CA THR B 186 -4.44 20.18 -13.65
C THR B 186 -3.63 19.11 -14.36
N ALA B 187 -2.32 19.29 -14.42
CA ALA B 187 -1.48 18.34 -15.15
C ALA B 187 -1.05 17.18 -14.28
N LEU B 188 -0.76 17.43 -13.00
CA LEU B 188 -0.38 16.36 -12.10
C LEU B 188 -0.62 16.78 -10.67
N VAL B 189 -1.04 15.81 -9.84
CA VAL B 189 -1.24 15.99 -8.41
C VAL B 189 -0.39 14.94 -7.70
N SER B 190 0.35 15.36 -6.68
CA SER B 190 1.28 14.48 -5.99
C SER B 190 1.16 14.67 -4.49
N LEU B 191 1.14 13.56 -3.76
CA LEU B 191 1.22 13.56 -2.31
C LEU B 191 2.49 12.83 -1.89
N LYS B 192 3.46 13.58 -1.40
CA LYS B 192 4.69 13.01 -0.85
C LYS B 192 4.66 13.17 0.67
N ALA B 193 5.17 12.17 1.37
CA ALA B 193 5.17 12.20 2.83
C ALA B 193 6.17 11.16 3.30
N GLY B 194 7.08 11.54 4.18
CA GLY B 194 8.09 10.59 4.59
C GLY B 194 8.88 11.03 5.81
N LEU B 195 9.77 10.14 6.23
CA LEU B 195 10.65 10.33 7.37
C LEU B 195 12.08 10.17 6.89
N ILE B 196 12.93 11.18 7.13
CA ILE B 196 14.28 11.18 6.60
C ILE B 196 15.25 11.74 7.65
N GLN B 197 16.51 11.31 7.56
CA GLN B 197 17.61 11.83 8.37
C GLN B 197 18.62 12.47 7.42
N SER B 198 18.89 13.76 7.60
CA SER B 198 19.62 14.48 6.57
C SER B 198 20.45 15.65 7.09
N ARG B 199 20.56 16.69 6.28
CA ARG B 199 21.25 17.93 6.62
C ARG B 199 20.24 18.99 7.04
N SER B 200 20.76 20.13 7.51
CA SER B 200 19.92 21.16 8.11
C SER B 200 19.04 21.83 7.05
N THR B 201 17.72 21.66 7.17
CA THR B 201 16.77 22.39 6.35
C THR B 201 16.18 23.60 7.08
N LEU B 202 16.51 23.76 8.36
CA LEU B 202 15.80 24.68 9.25
C LEU B 202 16.48 26.03 9.42
N SER B 203 17.79 26.13 9.14
CA SER B 203 18.57 27.35 9.34
C SER B 203 18.62 27.74 10.83
N ASP B 204 18.76 26.74 11.70
CA ASP B 204 18.86 26.94 13.15
C ASP B 204 17.65 27.66 13.73
N PHE B 205 16.68 27.96 12.88
CA PHE B 205 15.51 28.74 13.24
C PHE B 205 14.38 27.87 13.80
N GLN B 206 14.44 26.57 13.55
CA GLN B 206 13.45 25.61 14.01
C GLN B 206 14.01 24.84 15.20
N GLY B 207 13.11 24.39 16.09
CA GLY B 207 13.47 23.58 17.21
C GLY B 207 13.04 22.12 17.02
N THR B 208 13.41 21.30 18.00
CA THR B 208 12.93 19.93 17.99
C THR B 208 11.45 19.90 18.36
N PHE B 209 10.69 19.08 17.64
CA PHE B 209 9.23 19.01 17.74
C PHE B 209 8.57 20.33 17.36
N MET B 210 9.34 21.25 16.78
CA MET B 210 8.79 22.43 16.13
C MET B 210 8.40 22.05 14.71
N THR B 211 7.20 22.45 14.29
CA THR B 211 6.72 22.16 12.95
C THR B 211 6.64 23.46 12.15
N VAL B 212 7.00 23.38 10.87
CA VAL B 212 7.03 24.54 9.98
C VAL B 212 6.03 24.30 8.85
N GLY B 213 5.17 25.29 8.60
CA GLY B 213 4.15 25.17 7.57
C GLY B 213 4.67 25.60 6.20
N ILE B 214 4.20 24.91 5.18
CA ILE B 214 4.53 25.20 3.79
C ILE B 214 3.26 25.60 3.06
N ALA B 215 3.31 26.73 2.36
CA ALA B 215 2.16 27.19 1.57
C ALA B 215 2.73 28.03 0.42
N LEU B 216 2.84 27.42 -0.76
CA LEU B 216 3.47 28.03 -1.91
C LEU B 216 2.45 28.19 -3.03
N SER B 217 2.34 29.41 -3.55
CA SER B 217 1.43 29.70 -4.67
C SER B 217 2.01 30.79 -5.56
#